data_7MKR
#
_entry.id   7MKR
#
_cell.length_a   66.182
_cell.length_b   66.182
_cell.length_c   127.893
_cell.angle_alpha   90.000
_cell.angle_beta   90.000
_cell.angle_gamma   120.000
#
_symmetry.space_group_name_H-M   'P 31 2 1'
#
loop_
_entity.id
_entity.type
_entity.pdbx_description
1 polymer 'Glycoside hydrolase, family 6'
2 non-polymer 'SODIUM ION'
3 non-polymer 'ZINC ION'
4 non-polymer 'ACETATE ION'
5 non-polymer GLYCEROL
6 non-polymer 'CHLORIDE ION'
7 non-polymer 1,2-ETHANEDIOL
8 water water
#
_entity_poly.entity_id   1
_entity_poly.type   'polypeptide(L)'
_entity_poly.pdbx_seq_one_letter_code
;GTTVTDCTPGPNQNGVTSVQGDEYRVQTNEWNSSAQQCLTINTATGAWTVSTANFSGGTGGAPATYPSIYKGCHWGNCTT
KNVGMPIQISQIGSAVTSWSTTQVSSGAYDVAYDIWTNSTPTTTGQPNGTEIMIWLNSRGGVQPFGSQTATGVTVAGHTW
NVWQGQQTSWKIISYVLTPGATSISNLDLKAIFADAAARGSLNTSDYLLDVEAGFEIWQGGQGLGSNSFSVSVTSGSAHH
HHHH
;
_entity_poly.pdbx_strand_id   AAA
#
# COMPACT_ATOMS: atom_id res chain seq x y z
N THR A 2 -16.16 -15.54 -11.29
CA THR A 2 -15.74 -14.38 -10.48
C THR A 2 -14.22 -14.35 -10.36
N THR A 3 -13.48 -15.22 -11.03
CA THR A 3 -12.01 -15.21 -11.00
C THR A 3 -11.49 -14.68 -12.34
N VAL A 4 -10.66 -13.69 -12.29
CA VAL A 4 -10.09 -13.10 -13.52
C VAL A 4 -8.56 -13.12 -13.45
N THR A 5 -7.94 -13.21 -14.62
CA THR A 5 -6.47 -13.23 -14.71
C THR A 5 -6.05 -12.08 -15.58
N ASP A 6 -5.21 -11.22 -15.05
CA ASP A 6 -4.69 -9.99 -15.71
C ASP A 6 -3.16 -9.97 -15.74
N CYS A 7 -2.61 -9.97 -16.95
CA CYS A 7 -1.17 -9.99 -17.23
CA CYS A 7 -1.14 -9.95 -17.15
C CYS A 7 -0.72 -8.67 -17.88
N THR A 8 -1.53 -7.64 -17.82
CA THR A 8 -1.26 -6.35 -18.52
C THR A 8 0.23 -6.00 -18.40
N PRO A 9 1.02 -5.97 -19.48
CA PRO A 9 2.41 -5.65 -19.37
C PRO A 9 2.68 -4.17 -19.15
N GLY A 10 3.59 -3.91 -18.24
CA GLY A 10 4.23 -2.59 -18.06
C GLY A 10 5.24 -2.31 -19.16
N PRO A 11 5.97 -1.18 -19.07
CA PRO A 11 5.89 -0.25 -17.96
C PRO A 11 4.80 0.87 -18.03
N ASN A 12 4.03 0.92 -19.11
CA ASN A 12 3.17 2.08 -19.39
C ASN A 12 1.67 1.78 -19.29
N GLN A 13 1.28 0.57 -19.09
CA GLN A 13 -0.13 0.11 -19.04
CA GLN A 13 -0.14 0.19 -19.00
C GLN A 13 -0.35 -0.40 -17.61
N ASN A 14 -1.53 -0.17 -17.09
CA ASN A 14 -1.98 -0.65 -15.77
C ASN A 14 -3.29 -1.34 -16.02
N GLY A 15 -3.37 -2.59 -15.57
CA GLY A 15 -4.60 -3.37 -15.62
C GLY A 15 -5.29 -3.32 -14.26
N VAL A 16 -6.54 -2.84 -14.23
CA VAL A 16 -7.21 -2.51 -12.96
C VAL A 16 -8.53 -3.26 -12.91
N THR A 17 -8.72 -4.03 -11.84
CA THR A 17 -9.90 -4.90 -11.70
C THR A 17 -10.70 -4.48 -10.49
N SER A 18 -11.97 -4.13 -10.68
CA SER A 18 -12.88 -3.83 -9.57
CA SER A 18 -12.84 -3.82 -9.53
C SER A 18 -13.22 -5.10 -8.78
N VAL A 19 -13.21 -5.03 -7.48
CA VAL A 19 -13.59 -6.19 -6.63
C VAL A 19 -14.53 -5.71 -5.52
N GLN A 20 -15.33 -6.62 -4.99
CA GLN A 20 -16.20 -6.31 -3.82
C GLN A 20 -17.03 -5.04 -4.10
N GLY A 21 -17.75 -5.02 -5.22
CA GLY A 21 -18.69 -3.94 -5.55
C GLY A 21 -17.98 -2.62 -5.75
N ASP A 22 -16.70 -2.67 -6.10
CA ASP A 22 -15.87 -1.49 -6.35
C ASP A 22 -15.57 -0.75 -5.03
N GLU A 23 -15.52 -1.48 -3.91
CA GLU A 23 -14.96 -0.92 -2.68
C GLU A 23 -13.43 -0.93 -2.79
N TYR A 24 -12.91 -1.90 -3.51
CA TYR A 24 -11.46 -2.05 -3.73
C TYR A 24 -11.18 -2.27 -5.22
N ARG A 25 -9.96 -1.93 -5.64
CA ARG A 25 -9.44 -2.26 -6.97
C ARG A 25 -8.09 -2.94 -6.85
N VAL A 26 -7.85 -3.91 -7.70
CA VAL A 26 -6.57 -4.61 -7.83
C VAL A 26 -5.90 -4.19 -9.13
N GLN A 27 -4.67 -3.77 -9.01
CA GLN A 27 -3.90 -3.27 -10.15
C GLN A 27 -2.62 -4.06 -10.37
N THR A 28 -2.32 -4.30 -11.65
CA THR A 28 -1.06 -4.98 -12.02
C THR A 28 0.11 -4.04 -11.71
N ASN A 29 -0.02 -2.78 -12.12
CA ASN A 29 0.91 -1.70 -11.73
C ASN A 29 2.35 -2.14 -11.94
N GLU A 30 2.63 -2.70 -13.10
CA GLU A 30 3.99 -3.14 -13.42
C GLU A 30 4.77 -1.92 -13.92
N TRP A 31 5.10 -1.02 -13.05
CA TRP A 31 5.41 0.37 -13.50
C TRP A 31 6.86 0.49 -14.00
N ASN A 32 7.69 -0.55 -13.79
CA ASN A 32 9.11 -0.44 -14.11
C ASN A 32 9.60 -1.70 -14.78
N SER A 33 8.75 -2.37 -15.53
CA SER A 33 9.19 -3.58 -16.24
C SER A 33 8.18 -3.99 -17.31
N SER A 34 8.63 -4.73 -18.34
CA SER A 34 7.72 -5.41 -19.28
C SER A 34 7.81 -6.92 -19.08
N ALA A 35 8.52 -7.40 -18.06
CA ALA A 35 8.62 -8.86 -17.82
C ALA A 35 7.26 -9.45 -17.45
N GLN A 36 7.04 -10.71 -17.77
CA GLN A 36 5.73 -11.30 -17.57
C GLN A 36 5.37 -11.27 -16.07
N GLN A 37 4.20 -10.75 -15.83
CA GLN A 37 3.54 -10.71 -14.53
C GLN A 37 2.06 -10.93 -14.72
N CYS A 38 1.52 -11.99 -14.07
N CYS A 38 1.51 -11.89 -13.98
CA CYS A 38 0.07 -12.22 -14.11
CA CYS A 38 0.10 -12.30 -14.16
C CYS A 38 -0.49 -12.26 -12.70
C CYS A 38 -0.56 -12.41 -12.78
N LEU A 39 -1.62 -11.62 -12.53
CA LEU A 39 -2.39 -11.69 -11.27
C LEU A 39 -3.64 -12.54 -11.53
N THR A 40 -4.01 -13.33 -10.54
CA THR A 40 -5.32 -14.03 -10.55
C THR A 40 -6.12 -13.46 -9.39
N ILE A 41 -7.32 -12.99 -9.66
CA ILE A 41 -8.07 -12.10 -8.74
C ILE A 41 -9.47 -12.68 -8.58
N ASN A 42 -9.92 -12.79 -7.34
CA ASN A 42 -11.28 -13.21 -7.01
C ASN A 42 -12.06 -11.93 -6.81
N THR A 43 -12.95 -11.61 -7.73
CA THR A 43 -13.68 -10.33 -7.62
C THR A 43 -14.75 -10.30 -6.52
N ALA A 44 -15.16 -11.45 -5.98
CA ALA A 44 -16.11 -11.51 -4.86
C ALA A 44 -15.43 -11.22 -3.52
N THR A 45 -14.22 -11.71 -3.30
CA THR A 45 -13.53 -11.65 -2.00
C THR A 45 -12.40 -10.61 -2.00
N GLY A 46 -11.94 -10.25 -3.19
CA GLY A 46 -10.75 -9.41 -3.31
C GLY A 46 -9.43 -10.12 -3.14
N ALA A 47 -9.44 -11.43 -2.88
CA ALA A 47 -8.19 -12.16 -2.77
C ALA A 47 -7.48 -12.17 -4.13
N TRP A 48 -6.18 -12.15 -4.12
CA TRP A 48 -5.42 -12.20 -5.39
C TRP A 48 -4.08 -12.84 -5.17
N THR A 49 -3.50 -13.27 -6.26
CA THR A 49 -2.19 -13.94 -6.28
CA THR A 49 -2.16 -13.84 -6.23
C THR A 49 -1.39 -13.46 -7.48
N VAL A 50 -0.05 -13.39 -7.28
CA VAL A 50 0.88 -13.25 -8.42
C VAL A 50 1.10 -14.67 -8.98
N SER A 51 0.32 -15.05 -9.95
CA SER A 51 0.24 -16.45 -10.41
C SER A 51 1.40 -16.75 -11.35
N THR A 52 1.97 -15.72 -11.98
CA THR A 52 3.15 -15.91 -12.85
C THR A 52 4.01 -14.66 -12.74
N ALA A 53 5.26 -14.86 -12.38
CA ALA A 53 6.32 -13.81 -12.28
C ALA A 53 7.66 -14.48 -12.00
N ASN A 54 8.69 -13.91 -12.62
CA ASN A 54 10.07 -14.31 -12.26
C ASN A 54 10.99 -13.15 -12.61
N PHE A 55 10.87 -12.09 -11.87
CA PHE A 55 11.69 -10.88 -12.12
C PHE A 55 13.16 -11.20 -11.89
N SER A 56 13.99 -10.56 -12.69
CA SER A 56 15.44 -10.62 -12.46
C SER A 56 16.01 -9.23 -12.41
N GLY A 57 17.06 -9.08 -11.68
CA GLY A 57 17.73 -7.77 -11.63
C GLY A 57 18.34 -7.61 -10.27
N GLY A 58 18.89 -6.46 -9.99
CA GLY A 58 19.53 -6.26 -8.70
C GLY A 58 18.51 -5.94 -7.65
N THR A 59 18.96 -5.86 -6.41
CA THR A 59 18.06 -5.67 -5.23
C THR A 59 18.12 -4.23 -4.79
N GLY A 60 18.93 -3.42 -5.47
CA GLY A 60 19.00 -1.98 -5.19
C GLY A 60 18.10 -1.19 -6.13
N GLY A 61 17.95 0.10 -5.86
CA GLY A 61 17.24 0.99 -6.77
C GLY A 61 15.77 0.63 -6.76
N ALA A 62 15.10 1.03 -7.80
CA ALA A 62 13.64 0.85 -7.86
C ALA A 62 13.31 -0.62 -8.11
N PRO A 63 12.15 -1.04 -7.59
CA PRO A 63 11.65 -2.38 -7.91
C PRO A 63 11.12 -2.37 -9.35
N ALA A 64 10.77 -3.56 -9.82
CA ALA A 64 10.23 -3.74 -11.18
C ALA A 64 8.76 -3.36 -11.23
N THR A 65 8.04 -3.49 -10.10
CA THR A 65 6.57 -3.61 -10.16
C THR A 65 6.03 -3.42 -8.76
N TYR A 66 4.74 -3.06 -8.68
CA TYR A 66 4.01 -3.01 -7.40
C TYR A 66 2.55 -3.41 -7.61
N PRO A 67 2.31 -4.69 -7.85
CA PRO A 67 0.93 -5.18 -7.93
C PRO A 67 0.31 -4.99 -6.54
N SER A 68 -0.96 -4.54 -6.50
CA SER A 68 -1.52 -4.03 -5.23
C SER A 68 -3.01 -3.91 -5.28
N ILE A 69 -3.63 -3.95 -4.11
CA ILE A 69 -5.04 -3.67 -3.93
C ILE A 69 -5.15 -2.34 -3.22
N TYR A 70 -6.20 -1.58 -3.50
CA TYR A 70 -6.37 -0.29 -2.85
C TYR A 70 -7.81 0.12 -2.69
N LYS A 71 -7.99 1.06 -1.76
CA LYS A 71 -9.18 1.85 -1.58
C LYS A 71 -8.76 3.30 -1.77
N GLY A 72 -9.52 4.06 -2.53
CA GLY A 72 -9.26 5.47 -2.82
C GLY A 72 -8.74 5.61 -4.27
N CYS A 73 -7.95 6.64 -4.49
CA CYS A 73 -7.48 7.04 -5.85
CA CYS A 73 -7.49 7.02 -5.83
C CYS A 73 -5.98 6.81 -6.03
N HIS A 74 -5.63 6.08 -7.09
CA HIS A 74 -4.26 5.87 -7.60
C HIS A 74 -4.17 6.59 -8.97
N TRP A 75 -3.47 7.73 -9.04
CA TRP A 75 -3.24 8.42 -10.32
C TRP A 75 -4.58 8.63 -11.03
N GLY A 76 -5.58 9.04 -10.27
CA GLY A 76 -6.91 9.34 -10.81
C GLY A 76 -7.81 8.17 -11.05
N ASN A 77 -7.38 6.93 -10.77
CA ASN A 77 -8.22 5.75 -10.92
C ASN A 77 -8.75 5.42 -9.52
N CYS A 78 -10.02 5.65 -9.30
CA CYS A 78 -10.60 5.71 -7.98
C CYS A 78 -11.64 4.62 -7.78
N THR A 79 -11.63 4.04 -6.57
CA THR A 79 -12.77 3.23 -6.12
C THR A 79 -14.00 4.10 -5.89
N THR A 80 -15.15 3.43 -5.80
CA THR A 80 -16.43 4.19 -5.80
C THR A 80 -17.41 3.79 -4.71
N LYS A 81 -17.09 2.81 -3.89
CA LYS A 81 -18.04 2.38 -2.84
C LYS A 81 -17.40 2.50 -1.48
N ASN A 82 -18.08 3.20 -0.57
CA ASN A 82 -17.69 3.27 0.85
C ASN A 82 -16.25 3.71 1.01
N VAL A 83 -15.88 4.84 0.42
CA VAL A 83 -14.46 5.17 0.30
C VAL A 83 -13.88 5.84 1.54
N GLY A 84 -14.41 7.00 1.93
CA GLY A 84 -13.95 7.78 3.08
C GLY A 84 -12.77 8.66 2.78
N MET A 85 -12.28 8.64 1.55
CA MET A 85 -11.15 9.48 1.10
C MET A 85 -11.62 10.09 -0.22
N PRO A 86 -11.14 11.29 -0.60
CA PRO A 86 -10.14 12.05 0.14
C PRO A 86 -10.67 12.72 1.40
N ILE A 87 -9.75 12.87 2.35
CA ILE A 87 -10.05 13.51 3.63
C ILE A 87 -8.77 14.14 4.16
N GLN A 88 -8.88 15.31 4.76
N GLN A 88 -8.88 15.33 4.72
CA GLN A 88 -7.74 15.97 5.38
CA GLN A 88 -7.74 15.96 5.38
C GLN A 88 -7.32 15.11 6.60
C GLN A 88 -7.33 15.08 6.55
N ILE A 89 -6.04 14.86 6.74
CA ILE A 89 -5.50 13.95 7.81
CA ILE A 89 -5.64 13.89 7.79
C ILE A 89 -6.03 14.41 9.18
N SER A 90 -5.98 15.71 9.43
CA SER A 90 -6.35 16.28 10.73
C SER A 90 -7.85 16.03 11.00
N GLN A 91 -8.68 15.71 10.02
CA GLN A 91 -10.14 15.58 10.19
C GLN A 91 -10.54 14.12 10.32
N ILE A 92 -9.59 13.21 10.23
CA ILE A 92 -9.90 11.76 10.29
C ILE A 92 -10.44 11.44 11.70
N GLY A 93 -11.56 10.73 11.74
CA GLY A 93 -12.16 10.25 13.01
C GLY A 93 -11.47 8.97 13.44
N SER A 94 -11.45 7.99 12.54
CA SER A 94 -10.66 6.77 12.70
C SER A 94 -10.15 6.33 11.34
N ALA A 95 -9.08 5.57 11.36
CA ALA A 95 -8.53 4.96 10.14
C ALA A 95 -7.89 3.64 10.57
N VAL A 96 -8.43 2.55 10.09
CA VAL A 96 -7.98 1.19 10.47
CA VAL A 96 -7.94 1.20 10.47
C VAL A 96 -7.85 0.33 9.23
N THR A 97 -6.89 -0.58 9.23
CA THR A 97 -6.74 -1.52 8.13
C THR A 97 -6.27 -2.87 8.63
N SER A 98 -6.61 -3.90 7.88
CA SER A 98 -6.11 -5.27 8.13
C SER A 98 -5.68 -5.87 6.81
N TRP A 99 -4.66 -6.71 6.85
CA TRP A 99 -4.12 -7.35 5.63
C TRP A 99 -3.52 -8.69 6.02
N SER A 100 -4.00 -9.73 5.35
CA SER A 100 -3.43 -11.10 5.46
C SER A 100 -2.80 -11.47 4.11
N THR A 101 -1.55 -11.87 4.11
CA THR A 101 -0.77 -12.19 2.91
C THR A 101 -0.32 -13.63 2.87
N THR A 102 0.10 -14.05 1.67
CA THR A 102 0.79 -15.30 1.38
C THR A 102 2.15 -14.95 0.81
N GLN A 103 3.20 -15.51 1.38
CA GLN A 103 4.57 -15.21 1.03
C GLN A 103 5.29 -16.48 0.61
N VAL A 104 6.41 -16.29 -0.07
CA VAL A 104 7.26 -17.39 -0.60
CA VAL A 104 7.26 -17.39 -0.58
C VAL A 104 8.70 -17.09 -0.19
N SER A 105 9.41 -18.11 0.21
CA SER A 105 10.78 -17.96 0.76
C SER A 105 11.79 -18.00 -0.35
N SER A 106 11.63 -17.08 -1.27
CA SER A 106 12.50 -16.99 -2.45
CA SER A 106 12.62 -16.92 -2.37
C SER A 106 12.38 -15.59 -3.07
N GLY A 107 13.41 -15.12 -3.73
CA GLY A 107 13.34 -13.83 -4.43
C GLY A 107 13.61 -12.67 -3.52
N ALA A 108 13.32 -11.47 -4.02
CA ALA A 108 13.63 -10.22 -3.31
C ALA A 108 12.50 -9.28 -3.48
N TYR A 109 11.81 -9.00 -2.38
CA TYR A 109 10.58 -8.20 -2.42
C TYR A 109 10.27 -7.66 -1.07
N ASP A 110 9.33 -6.68 -1.08
CA ASP A 110 8.69 -6.25 0.18
C ASP A 110 7.23 -6.55 0.13
N VAL A 111 6.64 -6.55 1.32
CA VAL A 111 5.23 -6.82 1.52
C VAL A 111 4.74 -5.58 2.21
N ALA A 112 4.10 -4.67 1.48
CA ALA A 112 4.03 -3.28 1.99
C ALA A 112 2.74 -2.58 1.61
N TYR A 113 2.25 -1.81 2.58
CA TYR A 113 1.29 -0.74 2.32
C TYR A 113 2.02 0.41 1.63
N ASP A 114 1.29 1.12 0.80
CA ASP A 114 1.74 2.40 0.14
C ASP A 114 0.58 3.35 0.24
N ILE A 115 0.75 4.40 1.02
CA ILE A 115 -0.34 5.31 1.39
C ILE A 115 0.04 6.70 0.91
N TRP A 116 -0.80 7.32 0.14
CA TRP A 116 -0.49 8.66 -0.47
C TRP A 116 -1.28 9.80 0.10
N THR A 117 -0.58 10.90 0.30
CA THR A 117 -1.16 12.18 0.68
C THR A 117 -0.77 13.27 -0.32
N ASN A 118 -1.57 14.32 -0.33
CA ASN A 118 -1.49 15.37 -1.37
C ASN A 118 -2.03 16.70 -0.83
N SER A 119 -1.53 17.82 -1.31
CA SER A 119 -1.93 19.15 -0.80
C SER A 119 -3.39 19.44 -1.12
N THR A 120 -3.89 18.93 -2.23
CA THR A 120 -5.27 19.12 -2.73
C THR A 120 -5.97 17.77 -2.74
N PRO A 121 -7.29 17.78 -2.67
CA PRO A 121 -8.02 16.50 -2.57
C PRO A 121 -8.00 15.56 -3.76
N THR A 122 -7.65 16.09 -4.96
CA THR A 122 -7.54 15.23 -6.13
C THR A 122 -6.26 15.58 -6.90
N THR A 123 -5.80 14.57 -7.61
CA THR A 123 -4.69 14.72 -8.57
C THR A 123 -4.85 13.64 -9.63
N THR A 124 -4.39 13.94 -10.84
CA THR A 124 -4.36 12.97 -11.95
C THR A 124 -3.07 12.19 -11.89
N GLY A 125 -2.12 12.60 -11.06
CA GLY A 125 -0.76 12.02 -11.20
C GLY A 125 -0.09 11.81 -9.85
N GLN A 126 1.18 12.17 -9.79
CA GLN A 126 2.09 11.91 -8.64
C GLN A 126 1.70 12.76 -7.46
N PRO A 127 1.27 12.13 -6.33
CA PRO A 127 0.98 12.91 -5.13
C PRO A 127 2.17 13.74 -4.70
N ASN A 128 1.93 14.88 -4.07
CA ASN A 128 2.98 15.86 -3.72
C ASN A 128 3.19 15.98 -2.20
N GLY A 129 2.53 15.13 -1.39
CA GLY A 129 2.64 15.28 0.07
C GLY A 129 3.62 14.29 0.67
N THR A 130 3.06 13.18 1.16
CA THR A 130 3.84 12.10 1.74
C THR A 130 3.41 10.76 1.13
N GLU A 131 4.40 9.88 0.97
CA GLU A 131 4.20 8.45 0.74
C GLU A 131 4.53 7.76 2.07
N ILE A 132 3.59 7.06 2.62
CA ILE A 132 3.82 6.28 3.86
CA ILE A 132 3.77 6.28 3.88
C ILE A 132 3.82 4.82 3.45
N MET A 133 4.92 4.15 3.65
CA MET A 133 4.98 2.70 3.40
CA MET A 133 4.98 2.71 3.39
C MET A 133 4.96 2.01 4.76
N ILE A 134 4.34 0.86 4.76
CA ILE A 134 4.29 0.00 5.97
C ILE A 134 4.67 -1.42 5.55
N TRP A 135 5.90 -1.81 5.88
CA TRP A 135 6.47 -3.08 5.40
C TRP A 135 6.07 -4.14 6.47
N LEU A 136 5.20 -5.05 6.14
CA LEU A 136 4.88 -6.23 6.99
C LEU A 136 6.09 -7.15 7.02
N ASN A 137 6.81 -7.26 5.88
CA ASN A 137 7.95 -8.18 5.75
C ASN A 137 8.74 -7.82 4.51
N SER A 138 9.89 -8.39 4.37
CA SER A 138 10.70 -8.26 3.12
C SER A 138 11.70 -9.40 3.14
N ARG A 139 12.31 -9.61 2.00
CA ARG A 139 13.41 -10.57 1.93
C ARG A 139 14.31 -10.21 0.75
N GLY A 140 15.45 -10.85 0.74
CA GLY A 140 16.38 -10.82 -0.40
C GLY A 140 17.24 -9.62 -0.39
N GLY A 141 17.29 -8.86 0.68
CA GLY A 141 18.27 -7.79 0.83
C GLY A 141 17.74 -6.41 0.45
N VAL A 142 16.48 -6.31 0.14
CA VAL A 142 15.90 -5.01 -0.28
C VAL A 142 15.77 -4.09 0.93
N GLN A 143 15.82 -2.78 0.72
CA GLN A 143 15.67 -1.86 1.83
C GLN A 143 14.80 -0.72 1.36
N PRO A 144 14.22 -0.01 2.35
CA PRO A 144 13.38 1.12 2.05
C PRO A 144 14.18 2.28 1.48
N PHE A 145 13.43 3.19 0.91
CA PHE A 145 13.99 4.47 0.41
C PHE A 145 14.54 5.27 1.57
N GLY A 146 15.66 5.92 1.38
CA GLY A 146 16.14 6.95 2.31
C GLY A 146 17.12 6.36 3.31
N SER A 147 17.01 6.84 4.50
CA SER A 147 17.91 6.46 5.62
C SER A 147 17.10 5.96 6.82
N GLN A 148 17.66 5.01 7.58
CA GLN A 148 17.01 4.52 8.82
C GLN A 148 17.26 5.58 9.86
N THR A 149 16.22 6.14 10.42
CA THR A 149 16.34 7.24 11.42
C THR A 149 15.85 6.79 12.80
N ALA A 150 15.18 5.68 12.91
CA ALA A 150 14.85 5.14 14.26
C ALA A 150 14.88 3.63 14.22
N THR A 151 15.12 3.03 15.39
CA THR A 151 15.21 1.56 15.50
C THR A 151 14.40 1.09 16.73
N GLY A 152 13.53 0.14 16.52
CA GLY A 152 12.76 -0.51 17.59
C GLY A 152 11.81 0.43 18.31
N VAL A 153 11.12 1.27 17.58
CA VAL A 153 10.15 2.21 18.17
C VAL A 153 8.78 1.57 18.20
N THR A 154 8.02 1.99 19.18
CA THR A 154 6.66 1.48 19.40
C THR A 154 5.65 2.48 18.84
N VAL A 155 4.90 2.05 17.85
CA VAL A 155 3.82 2.88 17.21
C VAL A 155 2.62 2.00 16.89
N ALA A 156 1.44 2.46 17.26
CA ALA A 156 0.18 1.80 16.91
C ALA A 156 0.23 0.33 17.35
N GLY A 157 0.83 0.06 18.49
CA GLY A 157 0.82 -1.27 19.12
C GLY A 157 1.82 -2.26 18.53
N HIS A 158 2.77 -1.82 17.71
CA HIS A 158 3.77 -2.71 17.12
C HIS A 158 5.12 -2.05 17.21
N THR A 159 6.13 -2.83 16.92
CA THR A 159 7.53 -2.38 16.93
CA THR A 159 7.56 -2.39 16.94
C THR A 159 8.05 -2.26 15.49
N TRP A 160 8.76 -1.17 15.24
CA TRP A 160 9.17 -0.84 13.85
C TRP A 160 10.59 -0.26 13.83
N ASN A 161 11.26 -0.42 12.70
CA ASN A 161 12.33 0.52 12.32
C ASN A 161 11.73 1.57 11.40
N VAL A 162 12.23 2.77 11.45
CA VAL A 162 11.67 3.88 10.63
C VAL A 162 12.73 4.37 9.66
N TRP A 163 12.35 4.52 8.38
CA TRP A 163 13.23 5.02 7.32
C TRP A 163 12.53 6.25 6.75
N GLN A 164 13.30 7.29 6.53
CA GLN A 164 12.78 8.55 5.99
C GLN A 164 13.64 8.97 4.80
N GLY A 165 12.98 9.50 3.75
CA GLY A 165 13.70 9.93 2.55
C GLY A 165 12.94 11.02 1.84
N GLN A 166 13.59 11.62 0.88
CA GLN A 166 13.04 12.72 0.07
C GLN A 166 13.02 12.31 -1.39
N GLN A 167 11.84 12.28 -1.96
CA GLN A 167 11.72 12.05 -3.39
CA GLN A 167 11.65 12.04 -3.39
C GLN A 167 11.59 13.40 -4.12
N THR A 168 11.44 13.35 -5.42
CA THR A 168 11.55 14.62 -6.23
C THR A 168 10.45 15.63 -5.89
N SER A 169 9.24 15.19 -5.53
CA SER A 169 8.15 16.14 -5.21
C SER A 169 7.33 15.66 -4.02
N TRP A 170 7.89 14.72 -3.22
CA TRP A 170 7.14 14.25 -2.01
C TRP A 170 8.14 13.65 -1.03
N LYS A 171 7.69 13.52 0.19
CA LYS A 171 8.50 12.90 1.28
C LYS A 171 8.03 11.45 1.41
N ILE A 172 8.94 10.60 1.82
CA ILE A 172 8.63 9.18 2.06
CA ILE A 172 8.67 9.16 2.04
C ILE A 172 9.06 8.81 3.48
N ILE A 173 8.18 8.06 4.13
CA ILE A 173 8.47 7.49 5.47
C ILE A 173 8.03 6.05 5.40
N SER A 174 8.88 5.12 5.80
CA SER A 174 8.59 3.67 5.77
C SER A 174 8.72 3.14 7.19
N TYR A 175 7.69 2.45 7.60
CA TYR A 175 7.59 1.72 8.89
C TYR A 175 7.86 0.28 8.58
N VAL A 176 8.97 -0.26 9.09
CA VAL A 176 9.40 -1.65 8.84
C VAL A 176 9.11 -2.48 10.10
N LEU A 177 8.12 -3.34 9.98
CA LEU A 177 7.70 -4.17 11.11
C LEU A 177 8.88 -5.04 11.53
N THR A 178 9.23 -5.07 12.83
CA THR A 178 10.43 -5.82 13.27
CA THR A 178 10.43 -5.78 13.32
C THR A 178 10.03 -6.56 14.55
N PRO A 179 10.01 -7.90 14.51
CA PRO A 179 10.26 -8.71 13.32
C PRO A 179 9.09 -8.64 12.31
N GLY A 180 9.36 -9.09 11.09
CA GLY A 180 8.36 -9.16 10.04
C GLY A 180 7.34 -10.25 10.25
N ALA A 181 6.24 -10.15 9.52
CA ALA A 181 5.14 -11.09 9.69
C ALA A 181 4.37 -11.16 8.40
N THR A 182 3.41 -12.08 8.34
N THR A 182 3.45 -12.15 8.35
CA THR A 182 2.64 -12.23 7.10
CA THR A 182 2.51 -12.58 6.13
CA THR A 182 2.58 -12.47 7.18
C THR A 182 1.25 -11.61 7.19
C THR A 182 1.24 -11.70 7.22
N SER A 183 0.87 -11.04 8.32
CA SER A 183 -0.41 -10.39 8.43
CA SER A 183 -0.46 -10.48 8.52
C SER A 183 -0.34 -9.32 9.49
N ILE A 184 -1.31 -8.43 9.45
CA ILE A 184 -1.51 -7.39 10.49
C ILE A 184 -3.02 -7.16 10.62
N SER A 185 -3.49 -6.95 11.84
CA SER A 185 -4.94 -6.87 12.16
CA SER A 185 -4.94 -6.85 12.15
C SER A 185 -5.21 -5.52 12.84
N ASN A 186 -6.19 -4.81 12.33
CA ASN A 186 -6.75 -3.59 13.00
C ASN A 186 -5.62 -2.59 13.25
N LEU A 187 -4.74 -2.41 12.28
CA LEU A 187 -3.66 -1.42 12.41
C LEU A 187 -4.29 -0.03 12.41
N ASP A 188 -3.94 0.76 13.43
CA ASP A 188 -4.47 2.13 13.63
C ASP A 188 -3.62 3.10 12.78
N LEU A 189 -4.06 3.38 11.57
CA LEU A 189 -3.36 4.34 10.66
C LEU A 189 -3.44 5.75 11.21
N LYS A 190 -4.45 6.07 12.01
CA LYS A 190 -4.45 7.44 12.59
C LYS A 190 -3.20 7.60 13.49
N ALA A 191 -2.87 6.53 14.24
CA ALA A 191 -1.68 6.55 15.09
C ALA A 191 -0.41 6.64 14.22
N ILE A 192 -0.38 5.88 13.16
CA ILE A 192 0.79 5.95 12.22
C ILE A 192 0.93 7.39 11.73
N PHE A 193 -0.17 8.02 11.34
CA PHE A 193 -0.13 9.41 10.79
C PHE A 193 0.35 10.38 11.85
N ALA A 194 -0.09 10.20 13.10
CA ALA A 194 0.37 11.08 14.17
C ALA A 194 1.87 10.95 14.34
N ASP A 195 2.38 9.73 14.35
CA ASP A 195 3.82 9.51 14.51
C ASP A 195 4.53 10.14 13.33
N ALA A 196 4.07 9.86 12.12
CA ALA A 196 4.77 10.41 10.92
C ALA A 196 4.82 11.94 10.97
N ALA A 197 3.75 12.57 11.43
CA ALA A 197 3.75 14.04 11.61
C ALA A 197 4.74 14.47 12.69
N ALA A 198 4.83 13.71 13.80
CA ALA A 198 5.75 14.07 14.88
C ALA A 198 7.19 13.96 14.38
N ARG A 199 7.44 13.01 13.49
CA ARG A 199 8.79 12.82 12.94
C ARG A 199 9.10 13.79 11.80
N GLY A 200 8.17 14.70 11.47
CA GLY A 200 8.47 15.72 10.45
C GLY A 200 8.23 15.23 9.04
N SER A 201 7.59 14.07 8.82
CA SER A 201 7.41 13.57 7.43
C SER A 201 6.02 13.83 6.83
N LEU A 202 5.04 14.27 7.59
CA LEU A 202 3.66 14.37 7.13
C LEU A 202 3.10 15.70 7.59
N ASN A 203 2.54 16.44 6.63
CA ASN A 203 1.73 17.64 6.91
C ASN A 203 0.29 17.22 7.10
N THR A 204 -0.27 17.40 8.30
CA THR A 204 -1.60 16.86 8.59
C THR A 204 -2.70 17.67 7.89
N SER A 205 -2.41 18.82 7.27
CA SER A 205 -3.39 19.52 6.40
CA SER A 205 -3.40 19.50 6.41
C SER A 205 -3.51 18.83 5.04
N ASP A 206 -2.64 17.89 4.71
CA ASP A 206 -2.74 17.15 3.44
C ASP A 206 -4.01 16.31 3.43
N TYR A 207 -4.46 15.99 2.23
CA TYR A 207 -5.53 15.01 2.02
C TYR A 207 -4.88 13.61 1.90
N LEU A 208 -5.51 12.69 2.56
CA LEU A 208 -5.24 11.27 2.33
C LEU A 208 -6.00 10.82 1.08
N LEU A 209 -5.25 10.32 0.09
CA LEU A 209 -5.82 9.92 -1.23
C LEU A 209 -6.17 8.48 -1.30
N ASP A 210 -5.35 7.62 -0.76
CA ASP A 210 -5.63 6.17 -0.91
C ASP A 210 -4.82 5.40 0.11
N VAL A 211 -5.20 4.15 0.24
CA VAL A 211 -4.46 3.13 1.04
C VAL A 211 -4.32 1.92 0.15
N GLU A 212 -3.09 1.62 -0.22
CA GLU A 212 -2.77 0.49 -1.13
C GLU A 212 -1.94 -0.54 -0.36
N ALA A 213 -1.99 -1.78 -0.75
CA ALA A 213 -1.14 -2.87 -0.20
C ALA A 213 -0.75 -3.83 -1.30
N GLY A 214 0.49 -4.23 -1.33
CA GLY A 214 0.94 -5.24 -2.29
C GLY A 214 2.42 -5.50 -2.17
N PHE A 215 3.06 -5.85 -3.28
CA PHE A 215 4.44 -6.36 -3.22
C PHE A 215 5.28 -5.54 -4.18
N GLU A 216 6.28 -4.86 -3.69
CA GLU A 216 7.36 -4.35 -4.55
C GLU A 216 8.30 -5.53 -4.78
N ILE A 217 8.46 -5.87 -6.07
CA ILE A 217 9.26 -7.06 -6.40
C ILE A 217 10.49 -6.61 -7.21
N TRP A 218 11.65 -7.08 -6.75
CA TRP A 218 12.94 -6.95 -7.49
C TRP A 218 13.33 -8.26 -8.19
N GLN A 219 13.17 -9.39 -7.48
CA GLN A 219 13.54 -10.72 -7.97
C GLN A 219 12.44 -11.72 -7.63
N GLY A 220 12.06 -12.54 -8.59
CA GLY A 220 11.05 -13.59 -8.36
C GLY A 220 9.64 -13.02 -8.41
N GLY A 221 8.86 -13.36 -7.39
CA GLY A 221 7.52 -12.83 -7.19
C GLY A 221 6.40 -13.85 -7.29
N GLN A 222 6.60 -15.00 -7.95
N GLN A 222 6.60 -15.00 -7.93
CA GLN A 222 5.51 -15.94 -8.15
CA GLN A 222 5.47 -15.92 -8.18
C GLN A 222 5.03 -16.50 -6.79
C GLN A 222 5.02 -16.56 -6.86
N GLY A 223 3.73 -16.49 -6.57
CA GLY A 223 3.11 -17.12 -5.38
C GLY A 223 2.89 -16.14 -4.25
N LEU A 224 3.31 -14.89 -4.42
CA LEU A 224 2.94 -13.85 -3.47
C LEU A 224 1.44 -13.60 -3.62
N GLY A 225 0.75 -13.30 -2.52
CA GLY A 225 -0.67 -13.05 -2.64
C GLY A 225 -1.28 -12.37 -1.47
N SER A 226 -2.52 -11.96 -1.65
CA SER A 226 -3.35 -11.27 -0.66
C SER A 226 -4.56 -12.12 -0.34
N ASN A 227 -4.70 -12.53 0.92
CA ASN A 227 -5.86 -13.35 1.27
C ASN A 227 -7.07 -12.52 1.63
N SER A 228 -6.85 -11.39 2.28
CA SER A 228 -7.95 -10.54 2.72
C SER A 228 -7.33 -9.16 2.97
N PHE A 229 -8.15 -8.16 2.80
CA PHE A 229 -7.71 -6.73 2.87
C PHE A 229 -8.92 -5.89 3.20
N SER A 230 -8.75 -5.00 4.18
CA SER A 230 -9.82 -4.06 4.54
C SER A 230 -9.19 -2.75 4.97
N VAL A 231 -9.91 -1.69 4.61
CA VAL A 231 -9.57 -0.29 4.97
C VAL A 231 -10.88 0.37 5.40
N SER A 232 -10.86 1.10 6.52
CA SER A 232 -12.00 1.86 7.01
C SER A 232 -11.48 3.21 7.45
N VAL A 233 -11.90 4.27 6.77
CA VAL A 233 -11.52 5.67 7.14
C VAL A 233 -12.82 6.40 7.37
N THR A 234 -12.97 6.90 8.60
N THR A 234 -13.13 6.78 8.61
CA THR A 234 -14.22 7.56 9.05
CA THR A 234 -14.49 7.32 8.90
C THR A 234 -13.98 9.01 9.40
C THR A 234 -14.45 8.79 9.21
N SER A 235 -15.12 9.68 9.24
N SER A 235 -15.59 9.46 8.95
CA SER A 235 -15.47 11.13 9.24
CA SER A 235 -15.83 10.84 9.43
C SER A 235 -16.99 11.32 9.53
C SER A 235 -17.33 11.21 9.43
N GLY A 236 -17.36 12.58 9.82
N GLY A 236 -17.56 12.51 9.66
CA GLY A 236 -18.76 13.02 9.88
CA GLY A 236 -18.88 13.12 9.80
C GLY A 236 -19.41 12.49 11.15
C GLY A 236 -19.43 12.89 11.20
N SER A 237 -20.73 12.66 11.29
CA SER A 237 -21.49 12.31 12.53
C SER A 237 -22.60 11.30 12.18
N ALA A 238 -23.10 10.54 13.15
CA ALA A 238 -24.18 9.53 12.94
C ALA A 238 -25.44 10.25 12.52
N HIS A 239 -26.16 9.73 11.50
CA HIS A 239 -27.40 10.31 10.89
C HIS A 239 -28.12 9.24 10.08
N HIS A 240 -29.36 8.90 10.45
N HIS A 240 -29.36 8.87 10.44
CA HIS A 240 -30.30 8.00 9.72
CA HIS A 240 -30.22 7.85 9.77
C HIS A 240 -31.54 8.76 9.21
C HIS A 240 -31.60 8.49 9.33
N HIS A 241 -32.05 8.34 8.04
CA HIS A 241 -33.42 8.72 7.56
C HIS A 241 -34.23 7.43 7.37
#